data_6WO2
#
_entry.id   6WO2
#
_cell.length_a   32.225
_cell.length_b   62.720
_cell.length_c   90.137
_cell.angle_alpha   90.000
_cell.angle_beta   90.000
_cell.angle_gamma   90.000
#
_symmetry.space_group_name_H-M   'P 21 21 21'
#
loop_
_entity.id
_entity.type
_entity.pdbx_description
1 polymer 'Growth factor receptor-bound protein 2'
2 polymer ACE-PTR-02K-ASN-U67
3 non-polymer 'CALCIUM ION'
4 non-polymer 'ISOPROPYL ALCOHOL'
5 non-polymer 'SODIUM ION'
6 water water
#
loop_
_entity_poly.entity_id
_entity_poly.type
_entity_poly.pdbx_seq_one_letter_code
_entity_poly.pdbx_strand_id
1 'polypeptide(L)'
;IEMKPHPWFFGKIPRAKAEEMLSKQRHDGAFLIRESESAPGDFSLSVKFGNDVQHFKVLRDGAGKYFLWVVKFNSLNELV
DYHRSTSVSRNQQIFLRDIEQVPQQPTYVQAHHHHHH
;
A,B
2 'polypeptide(L)' (ACE)(PTR)(02K)N(U67) C,D
#
# COMPACT_ATOMS: atom_id res chain seq x y z
N GLU A 2 12.25 7.63 -9.15
CA GLU A 2 11.22 7.35 -10.21
C GLU A 2 9.83 7.23 -9.60
N MET A 3 9.49 8.18 -8.71
CA MET A 3 8.24 8.17 -7.91
C MET A 3 6.92 8.19 -8.72
N LYS A 4 6.44 6.98 -9.00
CA LYS A 4 5.13 6.73 -9.58
C LYS A 4 4.38 5.82 -8.61
N PRO A 5 3.09 5.52 -8.90
CA PRO A 5 2.44 4.56 -8.01
C PRO A 5 3.18 3.23 -8.10
N HIS A 6 3.25 2.50 -6.99
CA HIS A 6 3.89 1.19 -7.07
C HIS A 6 2.86 0.19 -7.61
N PRO A 7 3.13 -0.35 -8.82
CA PRO A 7 2.08 -1.21 -9.43
C PRO A 7 1.95 -2.59 -8.73
N TRP A 8 2.49 -2.70 -7.52
CA TRP A 8 2.30 -3.87 -6.68
C TRP A 8 1.28 -3.79 -5.56
N PHE A 9 0.71 -2.62 -5.30
CA PHE A 9 -0.17 -2.54 -4.16
C PHE A 9 -1.65 -2.63 -4.63
N PHE A 10 -2.31 -3.73 -4.25
CA PHE A 10 -3.68 -4.03 -4.77
C PHE A 10 -4.78 -3.77 -3.77
N GLY A 11 -4.44 -3.23 -2.60
CA GLY A 11 -5.41 -3.01 -1.53
C GLY A 11 -6.08 -4.31 -1.11
N LYS A 12 -7.35 -4.23 -0.72
CA LYS A 12 -8.09 -5.40 -0.28
C LYS A 12 -8.72 -6.14 -1.45
N ILE A 13 -8.03 -7.21 -1.84
CA ILE A 13 -8.57 -8.18 -2.80
C ILE A 13 -8.58 -9.54 -2.14
N PRO A 14 -9.52 -10.39 -2.56
CA PRO A 14 -9.56 -11.72 -2.04
C PRO A 14 -8.34 -12.49 -2.51
N ARG A 15 -7.98 -13.47 -1.69
CA ARG A 15 -6.93 -14.42 -1.98
C ARG A 15 -7.16 -15.09 -3.35
N ALA A 16 -8.38 -15.53 -3.64
CA ALA A 16 -8.67 -16.23 -4.87
C ALA A 16 -8.53 -15.31 -6.07
N LYS A 17 -8.90 -14.05 -5.90
CA LYS A 17 -8.73 -13.06 -6.96
C LYS A 17 -7.24 -12.78 -7.20
N ALA A 18 -6.46 -12.80 -6.14
CA ALA A 18 -5.03 -12.54 -6.33
C ALA A 18 -4.50 -13.69 -7.16
N GLU A 19 -4.88 -14.91 -6.79
CA GLU A 19 -4.49 -16.06 -7.59
C GLU A 19 -4.92 -16.04 -9.06
N GLU A 20 -6.16 -15.62 -9.33
CA GLU A 20 -6.62 -15.49 -10.71
C GLU A 20 -5.81 -14.44 -11.53
N MET A 21 -5.45 -13.35 -10.90
CA MET A 21 -4.80 -12.32 -11.66
C MET A 21 -3.32 -12.77 -11.89
N LEU A 22 -2.73 -13.40 -10.88
CA LEU A 22 -1.33 -13.73 -10.96
C LEU A 22 -1.09 -14.94 -11.83
N SER A 23 -2.04 -15.89 -11.85
CA SER A 23 -1.88 -17.14 -12.63
C SER A 23 -1.90 -16.86 -14.14
N LYS A 24 -2.45 -15.68 -14.49
CA LYS A 24 -2.50 -15.19 -15.86
C LYS A 24 -1.20 -14.51 -16.20
N GLN A 25 -0.43 -14.10 -15.19
CA GLN A 25 0.85 -13.44 -15.43
C GLN A 25 1.75 -14.43 -16.12
N ARG A 26 2.64 -13.95 -16.99
CA ARG A 26 3.50 -14.87 -17.74
C ARG A 26 4.93 -15.02 -17.15
N HIS A 27 5.35 -14.21 -16.17
CA HIS A 27 6.70 -14.36 -15.57
C HIS A 27 6.74 -14.88 -14.13
N ASP A 28 7.72 -15.72 -13.81
CA ASP A 28 7.95 -16.16 -12.45
C ASP A 28 8.31 -14.93 -11.57
N GLY A 29 7.86 -14.93 -10.31
CA GLY A 29 8.06 -13.76 -9.45
C GLY A 29 7.07 -12.62 -9.59
N ALA A 30 6.31 -12.55 -10.69
CA ALA A 30 5.20 -11.57 -10.73
C ALA A 30 4.40 -11.58 -9.37
N PHE A 31 4.06 -10.43 -8.83
CA PHE A 31 3.61 -10.38 -7.43
C PHE A 31 2.73 -9.20 -7.15
N LEU A 32 2.07 -9.26 -6.01
CA LEU A 32 1.34 -8.11 -5.49
C LEU A 32 1.33 -8.21 -3.99
N ILE A 33 1.11 -7.09 -3.35
CA ILE A 33 0.85 -7.05 -1.92
C ILE A 33 -0.67 -6.76 -1.79
N ARG A 34 -1.34 -7.50 -0.94
CA ARG A 34 -2.78 -7.26 -0.76
C ARG A 34 -2.99 -7.12 0.72
N GLU A 35 -4.13 -6.55 1.07
CA GLU A 35 -4.54 -6.43 2.40
C GLU A 35 -5.36 -7.69 2.70
N SER A 36 -4.96 -8.41 3.74
CA SER A 36 -5.58 -9.70 4.08
C SER A 36 -7.04 -9.51 4.57
N GLU A 37 -7.93 -10.31 4.00
CA GLU A 37 -9.33 -10.38 4.45
C GLU A 37 -9.39 -11.15 5.76
N SER A 38 -8.54 -12.16 5.88
CA SER A 38 -8.55 -13.03 7.03
C SER A 38 -7.84 -12.45 8.24
N ALA A 39 -6.98 -11.46 8.04
CA ALA A 39 -6.27 -10.79 9.12
C ALA A 39 -6.26 -9.27 8.92
N PRO A 40 -7.34 -8.55 9.32
CA PRO A 40 -7.44 -7.09 9.08
C PRO A 40 -6.30 -6.19 9.64
N GLY A 41 -5.85 -5.23 8.85
CA GLY A 41 -4.63 -4.50 9.17
C GLY A 41 -3.33 -5.23 8.80
N ASP A 42 -3.45 -6.49 8.37
CA ASP A 42 -2.26 -7.23 7.87
C ASP A 42 -2.18 -7.36 6.35
N PHE A 43 -0.97 -7.63 5.88
CA PHE A 43 -0.72 -7.69 4.48
C PHE A 43 -0.24 -9.11 4.13
N SER A 44 -0.53 -9.52 2.90
CA SER A 44 -0.02 -10.76 2.31
C SER A 44 0.63 -10.48 1.00
N LEU A 45 1.64 -11.28 0.71
CA LEU A 45 2.37 -11.10 -0.51
C LEU A 45 2.05 -12.34 -1.30
N SER A 46 1.59 -12.15 -2.54
CA SER A 46 1.15 -13.22 -3.38
C SER A 46 2.06 -13.25 -4.63
N VAL A 47 2.54 -14.44 -5.03
CA VAL A 47 3.62 -14.52 -6.04
C VAL A 47 3.38 -15.65 -7.04
N LYS A 48 3.45 -15.36 -8.32
CA LYS A 48 3.42 -16.41 -9.31
C LYS A 48 4.74 -17.20 -9.28
N PHE A 49 4.64 -18.48 -8.98
CA PHE A 49 5.80 -19.31 -9.23
C PHE A 49 5.46 -20.49 -10.04
N GLY A 50 6.09 -20.51 -11.22
CA GLY A 50 5.74 -21.40 -12.28
C GLY A 50 4.25 -21.63 -12.26
N ASN A 51 3.97 -22.87 -11.86
CA ASN A 51 2.75 -23.58 -12.10
C ASN A 51 1.56 -23.02 -11.37
N ASP A 52 1.74 -21.90 -10.69
CA ASP A 52 1.14 -21.80 -9.38
C ASP A 52 1.33 -20.43 -8.73
N VAL A 53 0.54 -20.15 -7.70
CA VAL A 53 0.65 -18.89 -6.99
C VAL A 53 0.88 -19.21 -5.54
N GLN A 54 1.86 -18.56 -4.91
CA GLN A 54 2.19 -18.82 -3.50
C GLN A 54 1.85 -17.58 -2.68
N HIS A 55 1.51 -17.73 -1.39
CA HIS A 55 1.20 -16.56 -0.57
C HIS A 55 2.13 -16.51 0.60
N PHE A 56 2.59 -15.33 0.95
CA PHE A 56 3.43 -15.17 2.15
C PHE A 56 2.65 -14.24 3.08
N LYS A 57 2.70 -14.46 4.39
CA LYS A 57 2.09 -13.48 5.30
C LYS A 57 3.18 -12.51 5.73
N VAL A 58 2.86 -11.23 5.70
CA VAL A 58 3.82 -10.22 6.08
C VAL A 58 3.60 -10.07 7.56
N LEU A 59 4.62 -10.39 8.33
CA LEU A 59 4.42 -10.44 9.78
C LEU A 59 4.84 -9.12 10.35
N ARG A 60 4.33 -8.84 11.55
CA ARG A 60 4.58 -7.60 12.20
C ARG A 60 5.05 -7.92 13.60
N ASP A 61 5.76 -6.96 14.19
CA ASP A 61 6.04 -7.06 15.62
C ASP A 61 5.60 -5.81 16.34
N GLY A 62 5.81 -5.79 17.65
CA GLY A 62 5.46 -4.64 18.48
C GLY A 62 6.03 -3.31 18.05
N ALA A 63 7.17 -3.32 17.36
CA ALA A 63 7.77 -2.09 16.85
C ALA A 63 7.24 -1.69 15.46
N GLY A 64 6.31 -2.47 14.91
CA GLY A 64 5.72 -2.18 13.59
C GLY A 64 6.61 -2.57 12.42
N LYS A 65 7.67 -3.36 12.66
CA LYS A 65 8.48 -3.85 11.56
C LYS A 65 7.69 -4.85 10.71
N TYR A 66 8.13 -5.04 9.45
CA TYR A 66 7.56 -6.02 8.54
C TYR A 66 8.55 -7.13 8.24
N PHE A 67 8.12 -8.37 8.25
CA PHE A 67 9.07 -9.41 7.88
C PHE A 67 8.36 -10.61 7.36
N LEU A 68 9.10 -11.48 6.67
CA LEU A 68 8.59 -12.75 6.17
C LEU A 68 9.22 -13.91 6.96
N TRP A 69 10.49 -13.73 7.31
CA TRP A 69 11.27 -14.77 7.91
C TRP A 69 12.03 -14.24 9.14
N VAL A 70 13.34 -13.99 9.00
CA VAL A 70 14.10 -13.47 10.10
C VAL A 70 14.48 -12.00 9.92
N VAL A 71 14.88 -11.60 8.70
CA VAL A 71 15.25 -10.20 8.49
C VAL A 71 14.02 -9.28 8.59
N LYS A 72 14.11 -8.23 9.41
CA LYS A 72 13.02 -7.21 9.59
C LYS A 72 13.20 -5.89 8.85
N PHE A 73 12.11 -5.42 8.21
CA PHE A 73 12.15 -4.24 7.37
C PHE A 73 11.33 -3.10 7.97
N ASN A 74 11.67 -1.84 7.66
CA ASN A 74 10.94 -0.66 8.19
C ASN A 74 9.68 -0.32 7.42
N SER A 75 9.59 -0.87 6.21
CA SER A 75 8.48 -0.57 5.30
C SER A 75 8.20 -1.75 4.38
N LEU A 76 7.01 -1.76 3.81
CA LEU A 76 6.63 -2.75 2.84
C LEU A 76 7.49 -2.53 1.61
N ASN A 77 7.70 -1.25 1.26
CA ASN A 77 8.52 -0.91 0.09
C ASN A 77 9.91 -1.58 0.21
N GLU A 78 10.50 -1.50 1.39
CA GLU A 78 11.87 -2.06 1.56
C GLU A 78 11.85 -3.58 1.56
N LEU A 79 10.85 -4.17 2.23
CA LEU A 79 10.67 -5.63 2.15
C LEU A 79 10.52 -6.09 0.69
N VAL A 80 9.64 -5.46 -0.09
CA VAL A 80 9.50 -5.84 -1.50
C VAL A 80 10.86 -5.71 -2.26
N ASP A 81 11.56 -4.60 -2.07
CA ASP A 81 12.73 -4.36 -2.88
C ASP A 81 13.84 -5.32 -2.53
N TYR A 82 13.96 -5.64 -1.24
CA TYR A 82 14.93 -6.62 -0.83
C TYR A 82 14.71 -7.93 -1.63
N HIS A 83 13.45 -8.33 -1.78
CA HIS A 83 13.09 -9.56 -2.45
C HIS A 83 13.02 -9.58 -3.95
N ARG A 84 13.31 -8.43 -4.56
CA ARG A 84 13.65 -8.35 -5.94
C ARG A 84 15.06 -9.03 -6.19
N SER A 85 15.95 -9.04 -5.22
CA SER A 85 17.31 -9.58 -5.48
C SER A 85 17.74 -10.77 -4.57
N THR A 86 16.83 -11.17 -3.67
CA THR A 86 17.01 -12.30 -2.72
C THR A 86 15.75 -13.15 -2.85
N SER A 87 15.88 -14.46 -2.99
CA SER A 87 14.71 -15.27 -3.33
C SER A 87 13.74 -15.24 -2.17
N VAL A 88 12.44 -15.09 -2.46
CA VAL A 88 11.43 -15.13 -1.40
C VAL A 88 11.16 -16.55 -0.90
N SER A 89 11.53 -17.50 -1.73
CA SER A 89 11.26 -18.90 -1.62
C SER A 89 12.41 -19.74 -1.06
N ARG A 90 12.16 -20.34 0.12
CA ARG A 90 12.98 -21.45 0.66
C ARG A 90 13.50 -22.45 -0.41
N ASN A 91 12.59 -22.98 -1.22
CA ASN A 91 12.96 -24.06 -2.17
C ASN A 91 13.42 -23.65 -3.54
N GLN A 92 12.86 -22.55 -4.03
CA GLN A 92 13.15 -22.09 -5.40
C GLN A 92 13.83 -20.73 -5.44
N GLN A 93 14.38 -20.36 -6.60
CA GLN A 93 14.88 -19.01 -6.87
C GLN A 93 13.70 -18.19 -7.39
N ILE A 94 13.01 -17.52 -6.48
CA ILE A 94 11.90 -16.64 -6.85
C ILE A 94 12.23 -15.23 -6.50
N PHE A 95 12.32 -14.39 -7.51
CA PHE A 95 12.58 -12.98 -7.33
C PHE A 95 11.38 -12.14 -7.75
N LEU A 96 11.05 -11.16 -6.91
CA LEU A 96 9.86 -10.35 -7.15
C LEU A 96 10.04 -9.44 -8.35
N ARG A 97 9.03 -9.42 -9.23
CA ARG A 97 9.00 -8.50 -10.35
C ARG A 97 7.60 -7.96 -10.55
N ASP A 98 7.45 -6.72 -11.01
CA ASP A 98 6.13 -6.12 -11.01
C ASP A 98 5.23 -6.85 -12.01
N ILE A 99 3.96 -6.98 -11.66
CA ILE A 99 2.96 -7.43 -12.63
C ILE A 99 2.94 -6.65 -13.94
N GLU A 100 2.35 -7.24 -14.97
CA GLU A 100 2.19 -6.57 -16.26
C GLU A 100 0.73 -6.20 -16.45
N GLN A 101 0.50 -4.91 -16.64
CA GLN A 101 -0.85 -4.39 -16.89
C GLN A 101 -0.99 -4.27 -18.41
N VAL A 102 -2.24 -4.07 -18.86
CA VAL A 102 -2.57 -4.08 -20.28
C VAL A 102 -2.50 -2.68 -20.89
N GLU B 2 -12.95 -4.18 -8.31
CA GLU B 2 -12.39 -4.29 -9.68
C GLU B 2 -11.30 -5.35 -9.63
N MET B 3 -10.12 -5.01 -10.14
CA MET B 3 -8.89 -5.75 -9.85
C MET B 3 -7.70 -4.76 -9.71
N LYS B 4 -6.92 -4.51 -10.76
CA LYS B 4 -6.01 -3.33 -10.84
C LYS B 4 -5.24 -2.78 -9.60
N PRO B 5 -3.95 -2.46 -9.78
CA PRO B 5 -3.19 -1.86 -8.69
C PRO B 5 -3.75 -0.49 -8.35
N HIS B 6 -3.66 -0.09 -7.09
CA HIS B 6 -4.15 1.22 -6.73
C HIS B 6 -3.12 2.34 -6.93
N PRO B 7 -3.50 3.36 -7.73
CA PRO B 7 -2.53 4.35 -8.13
C PRO B 7 -2.08 5.18 -6.92
N TRP B 8 -2.79 5.07 -5.80
CA TRP B 8 -2.53 5.95 -4.63
C TRP B 8 -1.48 5.51 -3.66
N PHE B 9 -0.99 4.29 -3.80
CA PHE B 9 0.00 3.81 -2.91
C PHE B 9 1.36 4.11 -3.51
N PHE B 10 2.16 4.84 -2.74
CA PHE B 10 3.45 5.31 -3.20
C PHE B 10 4.64 4.73 -2.50
N GLY B 11 4.41 3.85 -1.53
CA GLY B 11 5.46 3.34 -0.67
C GLY B 11 6.26 4.43 0.01
N LYS B 12 7.60 4.27 0.03
CA LYS B 12 8.47 5.16 0.78
C LYS B 12 8.91 6.22 -0.16
N ILE B 13 8.31 7.38 -0.01
CA ILE B 13 8.71 8.60 -0.72
C ILE B 13 8.65 9.74 0.32
N PRO B 14 9.53 10.74 0.15
CA PRO B 14 9.67 11.76 1.19
C PRO B 14 8.40 12.62 1.33
N ARG B 15 8.15 13.07 2.52
CA ARG B 15 7.18 14.14 2.78
C ARG B 15 7.27 15.25 1.75
N ALA B 16 8.45 15.81 1.52
CA ALA B 16 8.56 16.99 0.65
C ALA B 16 8.21 16.69 -0.77
N LYS B 17 8.62 15.49 -1.24
CA LYS B 17 8.34 15.07 -2.58
C LYS B 17 6.85 14.80 -2.74
N ALA B 18 6.21 14.28 -1.71
CA ALA B 18 4.73 14.17 -1.75
C ALA B 18 4.07 15.55 -1.94
N GLU B 19 4.52 16.54 -1.19
CA GLU B 19 4.09 17.94 -1.39
C GLU B 19 4.29 18.47 -2.80
N GLU B 20 5.47 18.20 -3.40
CA GLU B 20 5.78 18.73 -4.72
C GLU B 20 4.85 18.12 -5.74
N MET B 21 4.66 16.81 -5.66
CA MET B 21 3.75 16.16 -6.61
C MET B 21 2.33 16.54 -6.43
N LEU B 22 1.92 16.62 -5.18
CA LEU B 22 0.49 16.86 -4.92
C LEU B 22 0.12 18.31 -5.27
N SER B 23 1.04 19.24 -5.01
N SER B 23 1.03 19.25 -4.98
CA SER B 23 0.76 20.65 -5.31
CA SER B 23 0.80 20.66 -5.33
C SER B 23 0.63 20.96 -6.81
C SER B 23 0.40 20.80 -6.79
N LYS B 24 1.09 20.06 -7.67
CA LYS B 24 0.95 20.23 -9.12
C LYS B 24 -0.35 19.57 -9.62
N GLN B 25 -1.04 18.81 -8.77
CA GLN B 25 -2.31 18.17 -9.17
C GLN B 25 -3.36 19.23 -9.47
N ARG B 26 -4.31 18.93 -10.34
CA ARG B 26 -5.23 19.95 -10.79
C ARG B 26 -6.56 19.81 -10.01
N HIS B 27 -6.62 18.87 -9.04
CA HIS B 27 -7.82 18.57 -8.27
C HIS B 27 -7.58 18.63 -6.73
N ASP B 28 -8.53 19.28 -6.04
CA ASP B 28 -8.51 19.36 -4.59
C ASP B 28 -8.82 17.98 -4.04
N GLY B 29 -8.13 17.60 -3.00
CA GLY B 29 -8.30 16.27 -2.47
C GLY B 29 -7.45 15.20 -3.16
N ALA B 30 -6.68 15.56 -4.18
CA ALA B 30 -5.63 14.65 -4.70
C ALA B 30 -4.77 14.14 -3.54
N PHE B 31 -4.44 12.86 -3.57
CA PHE B 31 -3.82 12.23 -2.40
C PHE B 31 -2.91 11.05 -2.74
N LEU B 32 -2.09 10.70 -1.77
CA LEU B 32 -1.34 9.46 -1.83
C LEU B 32 -1.20 9.00 -0.40
N ILE B 33 -0.90 7.72 -0.28
CA ILE B 33 -0.54 7.14 1.00
C ILE B 33 0.93 6.76 0.79
N ARG B 34 1.75 7.10 1.76
CA ARG B 34 3.17 6.77 1.66
C ARG B 34 3.58 6.18 2.99
N GLU B 35 4.76 5.55 3.03
CA GLU B 35 5.21 4.92 4.25
C GLU B 35 6.17 5.84 4.97
N SER B 36 5.84 6.16 6.20
CA SER B 36 6.46 7.30 6.87
C SER B 36 7.97 7.11 6.98
N GLU B 37 8.73 8.09 6.53
CA GLU B 37 10.17 8.00 6.69
C GLU B 37 10.52 8.19 8.16
N SER B 38 9.80 9.10 8.83
CA SER B 38 10.03 9.48 10.21
C SER B 38 9.51 8.48 11.25
N ALA B 39 8.40 7.81 10.96
CA ALA B 39 7.83 6.79 11.86
C ALA B 39 7.71 5.43 11.16
N PRO B 40 8.83 4.69 11.09
CA PRO B 40 8.87 3.39 10.42
C PRO B 40 7.69 2.50 10.81
N GLY B 41 6.98 1.96 9.83
CA GLY B 41 5.86 1.03 10.09
C GLY B 41 4.50 1.71 10.09
N ASP B 42 4.50 3.05 10.14
CA ASP B 42 3.28 3.83 10.02
C ASP B 42 3.03 4.21 8.55
N PHE B 43 1.77 4.53 8.23
CA PHE B 43 1.46 5.17 6.96
C PHE B 43 1.15 6.64 7.20
N SER B 44 1.38 7.41 6.15
CA SER B 44 0.98 8.80 6.11
C SER B 44 0.15 9.05 4.90
N LEU B 45 -0.95 9.77 5.12
CA LEU B 45 -1.79 10.20 4.04
C LEU B 45 -1.52 11.69 3.74
N SER B 46 -1.07 11.98 2.54
CA SER B 46 -0.84 13.37 2.14
C SER B 46 -1.93 13.80 1.15
N VAL B 47 -2.48 15.02 1.32
CA VAL B 47 -3.68 15.44 0.57
C VAL B 47 -3.64 16.91 0.17
N LYS B 48 -3.95 17.23 -1.08
CA LYS B 48 -3.98 18.60 -1.56
C LYS B 48 -5.25 19.32 -1.02
N PHE B 49 -5.06 20.43 -0.30
CA PHE B 49 -6.15 21.14 0.41
C PHE B 49 -5.82 22.61 0.19
N GLY B 50 -6.55 23.22 -0.74
CA GLY B 50 -6.38 24.66 -1.04
C GLY B 50 -5.09 24.81 -1.83
N ASN B 51 -4.24 25.68 -1.34
CA ASN B 51 -2.91 25.87 -1.88
C ASN B 51 -1.86 25.07 -1.13
N ASP B 52 -2.32 24.24 -0.20
CA ASP B 52 -1.48 23.58 0.80
C ASP B 52 -1.47 22.08 0.56
N VAL B 53 -0.54 21.40 1.21
CA VAL B 53 -0.65 19.96 1.32
C VAL B 53 -0.64 19.54 2.76
N GLN B 54 -1.66 18.78 3.14
CA GLN B 54 -1.80 18.40 4.53
C GLN B 54 -1.38 16.99 4.71
N HIS B 55 -0.85 16.66 5.88
CA HIS B 55 -0.38 15.30 6.09
C HIS B 55 -1.06 14.76 7.32
N PHE B 56 -1.56 13.55 7.18
CA PHE B 56 -2.25 12.85 8.27
C PHE B 56 -1.56 11.56 8.61
N LYS B 57 -1.45 11.26 9.90
CA LYS B 57 -0.83 10.00 10.26
C LYS B 57 -1.93 8.99 10.16
N VAL B 58 -1.67 7.90 9.46
CA VAL B 58 -2.65 6.81 9.54
C VAL B 58 -2.44 6.09 10.85
N LEU B 59 -3.40 6.24 11.74
CA LEU B 59 -3.30 5.67 13.07
C LEU B 59 -3.66 4.16 13.11
N ARG B 60 -3.07 3.45 14.07
CA ARG B 60 -3.25 2.03 14.22
C ARG B 60 -3.82 1.70 15.58
N ASP B 61 -4.94 1.01 15.65
CA ASP B 61 -5.44 0.65 16.97
C ASP B 61 -4.97 -0.74 17.39
N GLY B 62 -4.89 -0.99 18.69
CA GLY B 62 -4.34 -2.25 19.23
C GLY B 62 -4.96 -3.47 18.60
N ALA B 63 -6.18 -3.28 18.08
CA ALA B 63 -6.95 -4.27 17.34
C ALA B 63 -6.53 -4.36 15.85
N GLY B 64 -5.44 -3.67 15.49
CA GLY B 64 -4.97 -3.63 14.11
C GLY B 64 -5.63 -2.68 13.12
N LYS B 65 -6.77 -2.09 13.45
CA LYS B 65 -7.46 -1.25 12.49
C LYS B 65 -6.75 0.11 12.21
N TYR B 66 -6.97 0.66 11.02
CA TYR B 66 -6.41 1.94 10.58
C TYR B 66 -7.46 2.98 10.88
N PHE B 67 -7.03 4.14 11.36
CA PHE B 67 -7.91 5.30 11.56
C PHE B 67 -7.21 6.66 11.40
N LEU B 68 -8.00 7.67 11.11
CA LEU B 68 -7.55 9.06 11.16
C LEU B 68 -7.99 9.73 12.49
N TRP B 69 -9.28 9.57 12.81
CA TRP B 69 -9.94 10.19 13.97
C TRP B 69 -10.91 9.23 14.69
N VAL B 70 -12.17 9.19 14.26
CA VAL B 70 -13.19 8.39 14.95
C VAL B 70 -13.30 6.97 14.29
N VAL B 71 -13.78 6.93 13.05
CA VAL B 71 -14.05 5.67 12.36
C VAL B 71 -12.80 4.77 12.28
N LYS B 72 -12.96 3.47 12.57
CA LYS B 72 -11.88 2.48 12.43
C LYS B 72 -12.08 1.63 11.20
N PHE B 73 -10.98 1.23 10.56
CA PHE B 73 -11.04 0.63 9.21
C PHE B 73 -10.17 -0.58 9.13
N ASN B 74 -10.63 -1.57 8.39
CA ASN B 74 -9.99 -2.89 8.33
C ASN B 74 -8.80 -2.96 7.40
N SER B 75 -8.64 -1.93 6.57
CA SER B 75 -7.59 -1.86 5.56
C SER B 75 -7.41 -0.40 5.20
N LEU B 76 -6.24 -0.04 4.69
CA LEU B 76 -6.05 1.25 4.02
C LEU B 76 -7.05 1.47 2.90
N ASN B 77 -7.29 0.45 2.07
CA ASN B 77 -8.23 0.51 0.94
C ASN B 77 -9.64 1.06 1.41
N GLU B 78 -10.11 0.52 2.52
N GLU B 78 -10.11 0.51 2.52
CA GLU B 78 -11.43 0.93 3.05
CA GLU B 78 -11.44 0.89 3.08
C GLU B 78 -11.39 2.35 3.58
C GLU B 78 -11.41 2.31 3.65
N LEU B 79 -10.26 2.71 4.17
CA LEU B 79 -10.08 4.01 4.78
C LEU B 79 -10.13 5.03 3.68
N VAL B 80 -9.40 4.78 2.59
CA VAL B 80 -9.44 5.60 1.36
C VAL B 80 -10.85 5.65 0.72
N ASP B 81 -11.45 4.50 0.50
CA ASP B 81 -12.78 4.54 -0.11
C ASP B 81 -13.82 5.31 0.70
N TYR B 82 -13.79 5.16 2.01
CA TYR B 82 -14.68 5.91 2.89
C TYR B 82 -14.53 7.42 2.65
N HIS B 83 -13.26 7.90 2.59
CA HIS B 83 -12.95 9.31 2.44
C HIS B 83 -13.03 9.86 1.03
N ARG B 84 -13.53 9.02 0.11
CA ARG B 84 -13.96 9.48 -1.17
C ARG B 84 -15.31 10.21 -1.10
N SER B 85 -16.12 9.90 -0.09
CA SER B 85 -17.48 10.47 0.01
C SER B 85 -17.80 11.13 1.36
N THR B 86 -16.92 10.93 2.33
CA THR B 86 -16.90 11.62 3.63
C THR B 86 -15.58 12.42 3.75
N SER B 87 -15.69 13.65 4.25
CA SER B 87 -14.51 14.52 4.35
C SER B 87 -13.43 13.99 5.29
N VAL B 88 -12.16 14.14 4.92
CA VAL B 88 -11.08 13.68 5.81
C VAL B 88 -11.04 14.51 7.12
N SER B 89 -11.57 15.74 7.02
CA SER B 89 -11.62 16.77 8.06
C SER B 89 -13.04 17.20 8.35
N ARG B 90 -13.49 16.94 9.57
CA ARG B 90 -14.89 17.13 9.96
C ARG B 90 -15.47 18.40 9.35
N ASN B 91 -14.72 19.48 9.42
CA ASN B 91 -15.22 20.75 8.94
C ASN B 91 -14.39 21.23 7.77
N GLN B 92 -15.09 21.57 6.67
CA GLN B 92 -14.52 21.81 5.32
C GLN B 92 -13.44 20.83 4.87
N GLN B 93 -13.67 19.87 3.97
CA GLN B 93 -14.83 19.42 3.16
C GLN B 93 -14.05 18.93 1.92
N ILE B 94 -12.98 18.19 2.21
CA ILE B 94 -12.09 17.60 1.21
C ILE B 94 -12.30 16.09 1.05
N PHE B 95 -12.58 15.68 -0.19
CA PHE B 95 -12.83 14.31 -0.56
C PHE B 95 -11.62 13.79 -1.34
N LEU B 96 -11.12 12.61 -0.95
CA LEU B 96 -9.99 12.02 -1.64
C LEU B 96 -10.33 11.64 -3.09
N ARG B 97 -9.39 11.92 -4.00
CA ARG B 97 -9.38 11.31 -5.32
C ARG B 97 -7.95 11.12 -5.80
N ASP B 98 -7.78 10.28 -6.80
CA ASP B 98 -6.46 9.72 -7.03
C ASP B 98 -5.51 10.73 -7.65
N ILE B 99 -4.28 10.78 -7.10
CA ILE B 99 -3.11 11.39 -7.76
C ILE B 99 -3.14 10.95 -9.23
N GLU B 100 -2.64 11.79 -10.15
CA GLU B 100 -2.73 11.50 -11.61
C GLU B 100 -1.43 11.56 -12.39
N GLN B 101 -1.55 11.17 -13.67
CA GLN B 101 -0.46 10.87 -14.62
C GLN B 101 0.99 10.99 -14.09
N VAL B 102 1.80 11.97 -14.48
CA VAL B 102 1.45 13.15 -15.28
C VAL B 102 2.43 13.38 -16.45
N ASN C 4 5.51 -19.18 4.39
CA ASN C 4 6.46 -18.69 5.41
C ASN C 4 5.77 -18.94 6.75
N ASN D 4 -3.71 15.20 12.49
CA ASN D 4 -4.59 14.35 13.32
C ASN D 4 -3.76 13.70 14.41
#